data_1SRF
#
_entry.id   1SRF
#
_cell.length_a   94.200
_cell.length_b   104.800
_cell.length_c   47.000
_cell.angle_alpha   90.00
_cell.angle_beta   90.00
_cell.angle_gamma   90.00
#
_symmetry.space_group_name_H-M   'I 2 2 2'
#
loop_
_entity.id
_entity.type
_entity.pdbx_description
1 polymer STREPTAVIDIN
2 non-polymer "2-((3'-TERTBUTYL-4'-HYDROXYPHENYL)AZO)BENZOIC ACID"
3 water water
#
_entity_poly.entity_id   1
_entity_poly.type   'polypeptide(L)'
_entity_poly.pdbx_seq_one_letter_code
;AEAGITGTWYNQLGSTFIVTAGADGALTGTYESAVGNAESRYVLTGRYDSAPATDGSGTALGWTVAWKNNYRNAHSATTW
SGQYVGGAEARINTQWLLTSGTTEANAWKSTLVGHDTFTKV
;
_entity_poly.pdbx_strand_id   A,B
#
# COMPACT_ATOMS: atom_id res chain seq x y z
N ALA A 3 -8.80 18.69 -1.17
CA ALA A 3 -7.84 19.79 -1.31
C ALA A 3 -6.54 19.45 -0.59
N GLY A 4 -6.71 19.05 0.66
CA GLY A 4 -5.65 18.70 1.58
C GLY A 4 -4.56 17.85 0.94
N ILE A 5 -4.85 16.59 0.73
CA ILE A 5 -3.93 15.60 0.18
C ILE A 5 -3.49 15.87 -1.23
N THR A 6 -4.41 16.29 -2.08
CA THR A 6 -4.12 16.56 -3.50
C THR A 6 -3.05 17.65 -3.62
N GLY A 7 -2.05 17.36 -4.41
CA GLY A 7 -0.95 18.28 -4.66
C GLY A 7 0.34 17.48 -4.89
N THR A 8 1.42 18.24 -4.85
CA THR A 8 2.79 17.74 -5.02
C THR A 8 3.48 17.80 -3.65
N TRP A 9 4.12 16.70 -3.35
CA TRP A 9 4.85 16.50 -2.08
C TRP A 9 6.25 16.02 -2.41
N TYR A 10 7.11 16.16 -1.42
CA TYR A 10 8.52 15.70 -1.62
C TYR A 10 8.89 15.12 -0.26
N ASN A 11 9.76 14.14 -0.32
CA ASN A 11 10.24 13.49 0.91
C ASN A 11 11.67 13.97 1.10
N GLN A 12 12.24 13.52 2.17
CA GLN A 12 13.61 13.85 2.60
C GLN A 12 14.65 13.44 1.59
N LEU A 13 14.35 12.50 0.72
CA LEU A 13 15.29 12.05 -0.32
C LEU A 13 15.22 12.89 -1.58
N GLY A 14 14.21 13.72 -1.69
CA GLY A 14 13.94 14.58 -2.81
C GLY A 14 13.06 13.93 -3.86
N SER A 15 12.47 12.79 -3.55
CA SER A 15 11.53 12.10 -4.46
C SER A 15 10.27 12.96 -4.54
N THR A 16 9.57 12.86 -5.63
CA THR A 16 8.36 13.66 -5.89
C THR A 16 7.14 12.73 -5.94
N PHE A 17 6.12 13.11 -5.25
CA PHE A 17 4.82 12.39 -5.16
C PHE A 17 3.73 13.38 -5.62
N ILE A 18 3.10 13.07 -6.71
CA ILE A 18 1.97 13.89 -7.25
C ILE A 18 0.71 13.04 -7.08
N VAL A 19 -0.23 13.51 -6.32
CA VAL A 19 -1.41 12.71 -5.94
C VAL A 19 -2.70 13.50 -6.06
N THR A 20 -3.74 12.76 -6.39
CA THR A 20 -5.10 13.30 -6.41
C THR A 20 -5.93 12.39 -5.49
N ALA A 21 -6.56 13.02 -4.55
CA ALA A 21 -7.45 12.31 -3.62
C ALA A 21 -8.84 12.41 -4.23
N GLY A 22 -9.42 11.28 -4.56
CA GLY A 22 -10.82 11.28 -5.11
C GLY A 22 -11.76 11.26 -3.91
N ALA A 23 -13.01 11.61 -4.20
CA ALA A 23 -14.06 11.76 -3.20
C ALA A 23 -14.46 10.39 -2.63
N ASP A 24 -14.15 9.35 -3.38
CA ASP A 24 -14.47 7.97 -3.00
C ASP A 24 -13.35 7.32 -2.19
N GLY A 25 -12.37 8.09 -1.78
CA GLY A 25 -11.26 7.62 -0.97
C GLY A 25 -10.10 7.06 -1.76
N ALA A 26 -10.09 7.24 -3.05
CA ALA A 26 -9.07 6.77 -3.98
C ALA A 26 -7.88 7.72 -4.00
N LEU A 27 -6.68 7.17 -4.06
CA LEU A 27 -5.48 8.02 -4.26
C LEU A 27 -4.89 7.56 -5.62
N THR A 28 -4.56 8.49 -6.43
CA THR A 28 -3.96 8.19 -7.75
C THR A 28 -2.97 9.34 -8.04
N GLY A 29 -1.93 8.98 -8.74
CA GLY A 29 -0.91 9.92 -9.17
C GLY A 29 0.31 9.16 -9.65
N THR A 30 1.42 9.85 -9.47
CA THR A 30 2.71 9.30 -9.93
C THR A 30 3.77 9.67 -8.92
N TYR A 31 4.76 8.80 -8.87
CA TYR A 31 5.88 8.97 -7.96
C TYR A 31 7.16 9.06 -8.82
N GLU A 32 7.90 10.09 -8.48
CA GLU A 32 9.19 10.35 -9.14
C GLU A 32 10.27 10.25 -8.06
N SER A 33 10.99 9.15 -8.15
CA SER A 33 12.01 8.81 -7.19
C SER A 33 13.38 9.40 -7.46
N ALA A 34 14.01 9.71 -6.33
CA ALA A 34 15.36 10.23 -6.24
C ALA A 34 16.37 9.10 -6.04
N VAL A 35 15.91 7.95 -5.53
CA VAL A 35 16.78 6.83 -5.20
C VAL A 35 16.38 5.47 -5.69
N GLY A 36 17.37 4.57 -5.64
CA GLY A 36 17.27 3.17 -6.02
C GLY A 36 17.77 2.94 -7.45
N ASN A 37 17.01 2.11 -8.13
CA ASN A 37 17.21 1.76 -9.56
C ASN A 37 15.84 2.14 -10.21
N ALA A 38 15.64 3.42 -10.40
CA ALA A 38 14.45 4.00 -10.94
C ALA A 38 14.82 5.14 -11.94
N GLU A 39 13.86 5.22 -12.83
CA GLU A 39 13.95 6.33 -13.80
C GLU A 39 12.52 6.62 -14.24
N SER A 40 12.30 7.91 -14.35
CA SER A 40 10.99 8.39 -14.86
C SER A 40 9.97 8.22 -13.71
N ARG A 41 8.73 8.42 -14.05
CA ARG A 41 7.67 8.29 -13.08
C ARG A 41 7.09 6.89 -13.09
N TYR A 42 6.48 6.63 -11.95
CA TYR A 42 5.84 5.33 -11.68
C TYR A 42 4.43 5.66 -11.18
N VAL A 43 3.52 4.80 -11.55
CA VAL A 43 2.12 4.91 -11.12
C VAL A 43 2.03 4.56 -9.63
N LEU A 44 1.15 5.29 -8.98
CA LEU A 44 0.84 5.04 -7.56
C LEU A 44 -0.70 4.94 -7.53
N THR A 45 -1.10 4.18 -6.56
CA THR A 45 -2.52 3.95 -6.25
C THR A 45 -2.56 3.68 -4.73
N GLY A 46 -3.58 4.27 -4.14
CA GLY A 46 -3.75 4.13 -2.69
C GLY A 46 -5.18 4.43 -2.31
N ARG A 47 -5.35 4.47 -1.01
CA ARG A 47 -6.69 4.73 -0.40
C ARG A 47 -6.41 5.68 0.77
N TYR A 48 -7.40 6.45 1.14
CA TYR A 48 -7.30 7.35 2.29
C TYR A 48 -8.69 7.42 2.95
N ASP A 49 -8.66 7.77 4.21
CA ASP A 49 -9.93 7.95 4.97
C ASP A 49 -10.56 9.25 4.44
N SER A 50 -11.59 9.10 3.63
CA SER A 50 -12.28 10.31 3.09
C SER A 50 -13.18 10.96 4.10
N ALA A 51 -13.24 10.45 5.32
CA ALA A 51 -14.05 11.08 6.39
C ALA A 51 -13.34 10.93 7.72
N PRO A 52 -12.24 11.63 7.85
CA PRO A 52 -11.42 11.55 9.09
C PRO A 52 -12.17 12.23 10.22
N ALA A 53 -11.68 12.05 11.42
CA ALA A 53 -12.24 12.58 12.66
C ALA A 53 -11.92 14.05 12.88
N SER A 57 -7.00 14.91 14.69
CA SER A 57 -6.40 13.64 14.25
C SER A 57 -5.99 13.71 12.78
N GLY A 58 -4.92 12.99 12.49
CA GLY A 58 -4.44 12.92 11.10
C GLY A 58 -5.43 12.04 10.32
N THR A 59 -5.22 12.04 9.02
CA THR A 59 -6.03 11.23 8.10
C THR A 59 -5.17 10.04 7.65
N ALA A 60 -5.65 8.86 7.97
CA ALA A 60 -4.94 7.64 7.58
C ALA A 60 -5.02 7.45 6.07
N LEU A 61 -3.89 7.00 5.54
CA LEU A 61 -3.77 6.72 4.10
C LEU A 61 -2.66 5.72 3.85
N GLY A 62 -2.62 5.25 2.63
CA GLY A 62 -1.54 4.33 2.21
C GLY A 62 -1.55 4.33 0.68
N TRP A 63 -0.44 3.96 0.10
CA TRP A 63 -0.34 3.89 -1.37
C TRP A 63 0.81 2.91 -1.63
N THR A 64 0.77 2.42 -2.85
CA THR A 64 1.74 1.47 -3.35
C THR A 64 2.29 2.00 -4.69
N VAL A 65 3.53 1.70 -4.89
CA VAL A 65 4.24 1.89 -6.14
C VAL A 65 4.93 0.55 -6.46
N ALA A 66 4.61 0.02 -7.62
CA ALA A 66 5.39 -1.12 -8.18
C ALA A 66 6.44 -0.44 -9.05
N TRP A 67 7.70 -0.68 -8.72
CA TRP A 67 8.84 -0.03 -9.37
C TRP A 67 9.09 -0.61 -10.77
N LYS A 68 8.08 -0.40 -11.57
CA LYS A 68 8.12 -0.80 -13.00
C LYS A 68 7.38 0.27 -13.78
N ASN A 69 8.05 0.78 -14.78
CA ASN A 69 7.42 1.76 -15.73
C ASN A 69 7.89 1.28 -17.11
N ASN A 70 7.79 2.15 -18.09
CA ASN A 70 8.15 1.77 -19.48
C ASN A 70 9.64 1.69 -19.71
N TYR A 71 10.41 2.12 -18.73
CA TYR A 71 11.84 2.20 -18.81
C TYR A 71 12.60 1.23 -17.96
N ARG A 72 12.12 0.98 -16.75
CA ARG A 72 12.88 0.10 -15.84
C ARG A 72 11.93 -0.78 -15.04
N ASN A 73 12.53 -1.83 -14.52
CA ASN A 73 11.83 -2.78 -13.65
C ASN A 73 12.83 -3.24 -12.56
N ALA A 74 12.49 -2.92 -11.33
CA ALA A 74 13.30 -3.30 -10.18
C ALA A 74 12.68 -4.53 -9.49
N HIS A 75 11.58 -5.01 -10.06
CA HIS A 75 10.91 -6.19 -9.52
C HIS A 75 10.75 -6.04 -8.00
N SER A 76 10.15 -4.93 -7.65
CA SER A 76 9.96 -4.59 -6.21
C SER A 76 8.81 -3.61 -6.12
N ALA A 77 8.19 -3.54 -4.97
CA ALA A 77 7.08 -2.63 -4.72
C ALA A 77 7.25 -2.06 -3.30
N THR A 78 6.89 -0.79 -3.18
CA THR A 78 6.93 -0.13 -1.86
C THR A 78 5.49 0.22 -1.48
N THR A 79 5.18 0.06 -0.20
CA THR A 79 3.90 0.52 0.33
C THR A 79 4.19 1.53 1.43
N TRP A 80 3.59 2.70 1.33
CA TRP A 80 3.70 3.71 2.39
C TRP A 80 2.33 3.68 3.13
N SER A 81 2.46 3.58 4.41
CA SER A 81 1.28 3.62 5.31
C SER A 81 1.57 4.78 6.27
N GLY A 82 0.62 5.68 6.42
CA GLY A 82 0.84 6.83 7.32
C GLY A 82 -0.41 7.66 7.45
N GLN A 83 -0.16 8.94 7.77
CA GLN A 83 -1.27 9.87 7.98
C GLN A 83 -0.85 11.26 7.51
N TYR A 84 -1.87 11.90 6.97
CA TYR A 84 -1.78 13.28 6.49
C TYR A 84 -2.15 14.15 7.71
N VAL A 85 -1.39 15.20 7.92
CA VAL A 85 -1.67 16.16 9.01
C VAL A 85 -1.64 17.55 8.38
N GLY A 86 -2.78 18.22 8.45
CA GLY A 86 -2.95 19.54 7.84
C GLY A 86 -2.63 20.67 8.79
N GLY A 87 -2.68 21.87 8.25
CA GLY A 87 -2.44 23.11 9.02
C GLY A 87 -1.51 24.00 8.20
N ALA A 88 -0.78 24.84 8.90
CA ALA A 88 0.20 25.75 8.27
C ALA A 88 1.10 24.87 7.39
N GLU A 89 1.78 23.96 8.09
CA GLU A 89 2.74 23.03 7.52
C GLU A 89 2.14 21.64 7.34
N ALA A 90 1.56 21.40 6.18
CA ALA A 90 0.95 20.12 5.80
C ALA A 90 2.04 19.07 5.60
N ARG A 91 1.82 17.91 6.17
CA ARG A 91 2.73 16.78 6.10
C ARG A 91 2.07 15.42 6.10
N ILE A 92 2.80 14.49 5.47
CA ILE A 92 2.40 13.08 5.43
C ILE A 92 3.56 12.29 6.07
N ASN A 93 3.26 11.74 7.22
CA ASN A 93 4.27 10.98 8.00
C ASN A 93 3.97 9.50 7.70
N THR A 94 4.97 8.82 7.21
CA THR A 94 4.79 7.42 6.83
C THR A 94 5.88 6.50 7.34
N GLN A 95 5.48 5.23 7.27
CA GLN A 95 6.37 4.09 7.44
C GLN A 95 6.13 3.32 6.12
N TRP A 96 7.17 2.68 5.64
CA TRP A 96 7.07 2.00 4.35
C TRP A 96 7.70 0.62 4.44
N LEU A 97 7.20 -0.17 3.51
CA LEU A 97 7.76 -1.53 3.29
C LEU A 97 8.14 -1.58 1.80
N LEU A 98 9.34 -1.98 1.55
CA LEU A 98 9.81 -2.18 0.16
C LEU A 98 10.08 -3.69 0.03
N THR A 99 9.31 -4.40 -0.76
CA THR A 99 9.55 -5.83 -0.95
C THR A 99 10.05 -6.07 -2.40
N SER A 100 11.06 -6.89 -2.46
CA SER A 100 11.66 -7.34 -3.73
C SER A 100 11.21 -8.77 -3.96
N GLY A 101 11.02 -9.04 -5.26
CA GLY A 101 10.64 -10.44 -5.67
C GLY A 101 11.98 -11.21 -5.47
N THR A 102 11.88 -12.34 -4.86
CA THR A 102 13.05 -13.18 -4.57
C THR A 102 12.66 -14.66 -4.71
N THR A 103 13.75 -15.44 -4.81
CA THR A 103 13.54 -16.92 -4.77
C THR A 103 13.12 -17.23 -3.35
N GLU A 104 12.58 -18.39 -3.11
CA GLU A 104 12.12 -18.89 -1.81
C GLU A 104 13.22 -18.87 -0.77
N ALA A 105 14.43 -19.12 -1.21
CA ALA A 105 15.61 -19.16 -0.33
C ALA A 105 15.93 -17.80 0.25
N ASN A 106 15.67 -16.75 -0.53
CA ASN A 106 15.96 -15.38 -0.14
C ASN A 106 14.80 -14.56 0.39
N ALA A 107 13.62 -15.10 0.46
CA ALA A 107 12.42 -14.36 0.86
C ALA A 107 12.50 -13.78 2.26
N TRP A 108 13.29 -14.43 3.11
CA TRP A 108 13.41 -13.97 4.51
C TRP A 108 13.95 -12.56 4.55
N LYS A 109 14.82 -12.20 3.62
CA LYS A 109 15.39 -10.87 3.52
C LYS A 109 14.91 -10.07 2.32
N SER A 110 13.61 -10.19 2.03
CA SER A 110 13.01 -9.49 0.89
C SER A 110 12.42 -8.15 1.23
N THR A 111 12.28 -7.83 2.50
CA THR A 111 11.58 -6.59 2.89
C THR A 111 12.34 -5.63 3.73
N LEU A 112 12.47 -4.42 3.19
CA LEU A 112 13.07 -3.26 3.82
C LEU A 112 11.91 -2.48 4.49
N VAL A 113 12.25 -1.89 5.61
CA VAL A 113 11.27 -1.03 6.34
C VAL A 113 11.99 0.31 6.53
N GLY A 114 11.22 1.37 6.41
CA GLY A 114 11.79 2.73 6.55
C GLY A 114 10.69 3.69 6.93
N HIS A 115 11.06 4.97 6.89
CA HIS A 115 10.09 6.04 7.21
C HIS A 115 10.38 7.23 6.31
N ASP A 116 9.32 7.86 5.83
CA ASP A 116 9.38 9.00 4.93
C ASP A 116 8.42 10.09 5.47
N THR A 117 8.89 11.30 5.35
CA THR A 117 8.12 12.50 5.69
C THR A 117 8.03 13.35 4.40
N PHE A 118 6.80 13.59 4.04
CA PHE A 118 6.46 14.34 2.83
C PHE A 118 5.98 15.73 3.23
N THR A 119 6.50 16.68 2.48
CA THR A 119 6.19 18.11 2.67
C THR A 119 5.49 18.58 1.39
N LYS A 120 4.40 19.28 1.58
CA LYS A 120 3.58 19.77 0.45
C LYS A 120 4.18 21.04 -0.09
N VAL A 121 4.25 21.11 -1.41
CA VAL A 121 4.83 22.27 -2.12
C VAL A 121 3.69 23.00 -2.86
N ALA B 3 -4.34 -16.15 -14.81
CA ALA B 3 -4.78 -15.36 -13.65
C ALA B 3 -4.19 -15.93 -12.36
N GLY B 4 -2.88 -15.83 -12.27
CA GLY B 4 -2.14 -16.28 -11.08
C GLY B 4 -2.67 -15.57 -9.83
N ILE B 5 -2.51 -14.27 -9.82
CA ILE B 5 -2.91 -13.40 -8.70
C ILE B 5 -4.41 -13.20 -8.63
N THR B 6 -5.01 -13.03 -9.79
CA THR B 6 -6.49 -12.85 -9.84
C THR B 6 -7.10 -14.09 -9.17
N GLY B 7 -8.08 -13.83 -8.32
CA GLY B 7 -8.75 -14.92 -7.60
C GLY B 7 -9.18 -14.38 -6.23
N THR B 8 -9.52 -15.32 -5.38
CA THR B 8 -9.97 -15.08 -4.00
C THR B 8 -8.93 -15.76 -3.10
N TRP B 9 -8.45 -15.02 -2.13
CA TRP B 9 -7.44 -15.57 -1.20
C TRP B 9 -7.95 -15.35 0.24
N TYR B 10 -7.32 -16.09 1.14
CA TYR B 10 -7.70 -15.95 2.57
C TYR B 10 -6.41 -15.89 3.39
N ASN B 11 -6.43 -14.99 4.38
CA ASN B 11 -5.21 -14.91 5.26
C ASN B 11 -5.51 -15.84 6.45
N GLN B 12 -4.56 -15.93 7.35
CA GLN B 12 -4.65 -16.79 8.54
C GLN B 12 -5.87 -16.49 9.42
N LEU B 13 -6.31 -15.26 9.40
CA LEU B 13 -7.44 -14.75 10.18
C LEU B 13 -8.77 -15.16 9.57
N GLY B 14 -8.76 -15.42 8.29
CA GLY B 14 -9.96 -15.83 7.53
C GLY B 14 -10.61 -14.68 6.79
N SER B 15 -9.87 -13.57 6.67
CA SER B 15 -10.34 -12.40 5.89
C SER B 15 -10.24 -12.83 4.41
N THR B 16 -11.13 -12.28 3.60
CA THR B 16 -11.18 -12.65 2.19
C THR B 16 -10.67 -11.50 1.31
N PHE B 17 -9.75 -11.83 0.46
CA PHE B 17 -9.13 -10.87 -0.49
C PHE B 17 -9.50 -11.31 -1.91
N ILE B 18 -10.39 -10.55 -2.50
CA ILE B 18 -10.80 -10.78 -3.90
C ILE B 18 -10.03 -9.77 -4.76
N VAL B 19 -9.19 -10.27 -5.62
CA VAL B 19 -8.32 -9.35 -6.40
C VAL B 19 -8.36 -9.65 -7.88
N THR B 20 -8.29 -8.56 -8.64
CA THR B 20 -8.13 -8.61 -10.09
C THR B 20 -6.78 -7.94 -10.42
N ALA B 21 -5.95 -8.68 -11.10
CA ALA B 21 -4.64 -8.10 -11.51
C ALA B 21 -4.75 -7.71 -12.98
N GLY B 22 -4.55 -6.45 -13.24
CA GLY B 22 -4.61 -5.84 -14.56
C GLY B 22 -3.29 -6.20 -15.28
N ALA B 23 -3.37 -6.12 -16.59
CA ALA B 23 -2.20 -6.55 -17.41
C ALA B 23 -1.09 -5.54 -17.27
N ASP B 24 -1.47 -4.36 -16.86
CA ASP B 24 -0.68 -3.17 -16.65
C ASP B 24 -0.02 -3.04 -15.30
N GLY B 25 -0.32 -3.90 -14.33
CA GLY B 25 0.29 -3.86 -13.01
C GLY B 25 -0.64 -3.35 -11.92
N ALA B 26 -1.91 -3.16 -12.26
CA ALA B 26 -2.91 -2.66 -11.29
C ALA B 26 -3.50 -3.83 -10.51
N LEU B 27 -3.72 -3.62 -9.24
CA LEU B 27 -4.46 -4.61 -8.40
C LEU B 27 -5.73 -3.85 -7.98
N THR B 28 -6.85 -4.50 -8.12
CA THR B 28 -8.12 -3.88 -7.70
C THR B 28 -8.96 -4.98 -7.06
N GLY B 29 -9.81 -4.54 -6.13
CA GLY B 29 -10.71 -5.56 -5.54
C GLY B 29 -11.30 -5.12 -4.23
N THR B 30 -11.71 -6.16 -3.53
CA THR B 30 -12.45 -5.99 -2.25
C THR B 30 -11.78 -6.86 -1.20
N TYR B 31 -11.88 -6.39 0.02
CA TYR B 31 -11.30 -7.08 1.19
C TYR B 31 -12.44 -7.20 2.22
N GLU B 32 -12.67 -8.44 2.62
CA GLU B 32 -13.72 -8.67 3.64
C GLU B 32 -12.99 -9.18 4.89
N SER B 33 -12.96 -8.33 5.89
CA SER B 33 -12.19 -8.65 7.11
C SER B 33 -13.00 -9.56 8.02
N ALA B 34 -12.26 -10.37 8.75
CA ALA B 34 -12.85 -11.27 9.76
C ALA B 34 -12.48 -10.80 11.16
N VAL B 35 -11.92 -9.61 11.27
CA VAL B 35 -11.43 -9.03 12.53
C VAL B 35 -11.42 -7.50 12.50
N GLY B 36 -10.95 -6.95 13.62
CA GLY B 36 -10.88 -5.49 13.85
C GLY B 36 -12.28 -4.89 13.94
N ASN B 37 -12.30 -3.57 13.96
CA ASN B 37 -13.50 -2.72 13.96
C ASN B 37 -14.02 -2.51 12.54
N ALA B 38 -14.54 -3.55 11.86
CA ALA B 38 -15.09 -3.49 10.54
C ALA B 38 -16.32 -4.44 10.38
N GLU B 39 -17.00 -4.02 9.34
CA GLU B 39 -18.23 -4.70 8.92
C GLU B 39 -18.46 -4.27 7.46
N SER B 40 -18.49 -5.30 6.64
CA SER B 40 -18.71 -5.21 5.21
C SER B 40 -17.37 -5.46 4.50
N ARG B 41 -17.42 -5.15 3.22
CA ARG B 41 -16.24 -5.30 2.36
C ARG B 41 -15.63 -3.92 2.19
N TYR B 42 -14.33 -3.96 1.93
CA TYR B 42 -13.62 -2.68 1.72
C TYR B 42 -12.92 -2.76 0.37
N VAL B 43 -12.86 -1.62 -0.25
CA VAL B 43 -12.19 -1.40 -1.53
C VAL B 43 -10.69 -1.46 -1.24
N LEU B 44 -9.99 -2.09 -2.16
CA LEU B 44 -8.53 -2.15 -2.09
C LEU B 44 -8.02 -1.73 -3.50
N THR B 45 -6.86 -1.20 -3.48
CA THR B 45 -6.12 -0.84 -4.70
C THR B 45 -4.64 -1.13 -4.39
N GLY B 46 -3.94 -1.52 -5.44
CA GLY B 46 -2.52 -1.80 -5.30
C GLY B 46 -1.87 -1.82 -6.67
N ARG B 47 -0.62 -2.25 -6.62
CA ARG B 47 0.23 -2.38 -7.79
C ARG B 47 1.04 -3.70 -7.61
N TYR B 48 1.43 -4.23 -8.75
CA TYR B 48 2.27 -5.45 -8.76
C TYR B 48 3.18 -5.41 -9.98
N ASP B 49 4.25 -6.15 -9.92
CA ASP B 49 5.21 -6.32 -11.01
C ASP B 49 4.56 -7.21 -12.09
N SER B 50 4.17 -6.58 -13.16
CA SER B 50 3.53 -7.22 -14.31
C SER B 50 4.49 -7.90 -15.25
N ALA B 51 5.78 -7.82 -14.98
CA ALA B 51 6.85 -8.46 -15.74
C ALA B 51 7.93 -8.97 -14.78
N PRO B 52 7.53 -9.92 -13.95
CA PRO B 52 8.42 -10.50 -12.94
C PRO B 52 9.63 -11.16 -13.60
N ALA B 53 10.65 -11.41 -12.79
CA ALA B 53 11.90 -12.01 -13.22
C ALA B 53 11.73 -13.40 -13.79
N SER B 57 12.30 -14.08 -8.49
CA SER B 57 11.42 -15.23 -8.75
C SER B 57 10.02 -15.05 -8.21
N GLY B 58 9.88 -14.44 -7.05
CA GLY B 58 8.51 -14.13 -6.52
C GLY B 58 8.05 -12.86 -7.25
N THR B 59 6.76 -12.58 -7.18
CA THR B 59 6.19 -11.40 -7.86
C THR B 59 5.90 -10.33 -6.81
N ALA B 60 6.60 -9.21 -6.90
CA ALA B 60 6.38 -8.13 -5.90
C ALA B 60 5.01 -7.52 -6.12
N LEU B 61 4.37 -7.19 -4.99
CA LEU B 61 3.05 -6.52 -5.03
C LEU B 61 2.82 -5.83 -3.69
N GLY B 62 1.76 -5.02 -3.70
CA GLY B 62 1.32 -4.33 -2.48
C GLY B 62 -0.07 -3.76 -2.73
N TRP B 63 -0.76 -3.51 -1.62
CA TRP B 63 -2.09 -2.91 -1.77
C TRP B 63 -2.40 -2.24 -0.41
N THR B 64 -3.40 -1.39 -0.53
CA THR B 64 -3.90 -0.67 0.63
C THR B 64 -5.43 -0.85 0.73
N VAL B 65 -5.86 -0.81 1.96
CA VAL B 65 -7.26 -0.79 2.34
C VAL B 65 -7.42 0.35 3.36
N ALA B 66 -8.30 1.27 3.07
CA ALA B 66 -8.62 2.35 4.06
C ALA B 66 -9.84 1.75 4.74
N TRP B 67 -9.86 1.69 6.03
CA TRP B 67 -10.94 1.00 6.76
C TRP B 67 -12.19 1.83 6.93
N LYS B 68 -12.72 2.22 5.78
CA LYS B 68 -13.95 2.98 5.67
C LYS B 68 -14.83 2.40 4.55
N ASN B 69 -16.06 2.16 4.90
CA ASN B 69 -17.09 1.67 3.94
C ASN B 69 -18.38 2.44 4.24
N ASN B 70 -19.49 1.96 3.73
CA ASN B 70 -20.79 2.64 3.90
C ASN B 70 -21.29 2.52 5.35
N TYR B 71 -20.75 1.49 5.98
CA TYR B 71 -21.21 1.12 7.32
C TYR B 71 -20.37 1.66 8.44
N ARG B 72 -19.04 1.69 8.25
CA ARG B 72 -18.17 2.14 9.34
C ARG B 72 -16.89 2.79 8.86
N ASN B 73 -16.21 3.41 9.82
CA ASN B 73 -14.95 4.11 9.57
C ASN B 73 -14.03 3.91 10.78
N ALA B 74 -12.96 3.16 10.54
CA ALA B 74 -11.97 2.87 11.58
C ALA B 74 -10.90 3.94 11.61
N HIS B 75 -10.99 4.85 10.64
CA HIS B 75 -9.99 5.94 10.54
C HIS B 75 -8.58 5.35 10.54
N SER B 76 -8.41 4.35 9.71
CA SER B 76 -7.11 3.67 9.60
C SER B 76 -7.02 3.03 8.24
N ALA B 77 -5.83 2.58 7.93
CA ALA B 77 -5.53 2.02 6.60
C ALA B 77 -4.38 1.02 6.79
N THR B 78 -4.47 -0.05 6.07
CA THR B 78 -3.47 -1.10 6.05
C THR B 78 -2.87 -1.17 4.65
N THR B 79 -1.56 -1.33 4.66
CA THR B 79 -0.79 -1.52 3.43
C THR B 79 -0.10 -2.90 3.63
N TRP B 80 -0.21 -3.68 2.59
CA TRP B 80 0.38 -5.02 2.56
C TRP B 80 1.47 -4.96 1.46
N SER B 81 2.61 -5.45 1.86
CA SER B 81 3.72 -5.46 0.87
C SER B 81 4.24 -6.90 0.89
N GLY B 82 4.37 -7.49 -0.29
CA GLY B 82 4.86 -8.87 -0.31
C GLY B 82 5.15 -9.35 -1.71
N GLN B 83 5.01 -10.67 -1.79
CA GLN B 83 5.25 -11.36 -3.05
C GLN B 83 4.31 -12.54 -3.17
N TYR B 84 3.86 -12.68 -4.42
CA TYR B 84 3.00 -13.79 -4.85
C TYR B 84 3.96 -14.89 -5.35
N VAL B 85 3.69 -16.07 -4.89
CA VAL B 85 4.49 -17.26 -5.30
C VAL B 85 3.45 -18.25 -5.86
N GLY B 86 3.59 -18.48 -7.14
CA GLY B 86 2.65 -19.36 -7.87
C GLY B 86 3.11 -20.81 -7.70
N GLY B 87 2.39 -21.67 -8.37
CA GLY B 87 2.67 -23.12 -8.37
C GLY B 87 1.36 -23.80 -7.88
N ALA B 88 1.54 -25.07 -7.57
CA ALA B 88 0.48 -25.95 -7.09
C ALA B 88 -0.20 -25.32 -5.87
N GLU B 89 0.64 -24.90 -4.92
CA GLU B 89 0.12 -24.28 -3.69
C GLU B 89 0.57 -22.82 -3.55
N ALA B 90 -0.11 -22.00 -4.33
CA ALA B 90 0.07 -20.57 -4.47
C ALA B 90 -0.16 -19.85 -3.14
N ARG B 91 0.74 -18.88 -2.95
CA ARG B 91 0.72 -18.04 -1.75
C ARG B 91 1.12 -16.59 -2.05
N ILE B 92 0.63 -15.75 -1.15
CA ILE B 92 1.01 -14.34 -1.11
C ILE B 92 1.48 -14.11 0.35
N ASN B 93 2.77 -13.98 0.45
CA ASN B 93 3.47 -13.76 1.72
C ASN B 93 3.65 -12.23 1.84
N THR B 94 3.04 -11.68 2.85
CA THR B 94 3.10 -10.25 3.10
C THR B 94 3.49 -9.88 4.53
N GLN B 95 3.92 -8.61 4.55
CA GLN B 95 4.13 -7.85 5.78
C GLN B 95 3.21 -6.65 5.60
N TRP B 96 2.60 -6.18 6.67
CA TRP B 96 1.64 -5.09 6.61
C TRP B 96 1.91 -4.07 7.69
N LEU B 97 1.42 -2.89 7.40
CA LEU B 97 1.49 -1.72 8.29
C LEU B 97 0.06 -1.18 8.43
N LEU B 98 -0.38 -1.10 9.66
CA LEU B 98 -1.71 -0.55 9.96
C LEU B 98 -1.51 0.75 10.73
N THR B 99 -1.87 1.86 10.10
CA THR B 99 -1.69 3.19 10.70
C THR B 99 -3.08 3.75 11.02
N SER B 100 -3.22 4.21 12.24
CA SER B 100 -4.47 4.86 12.66
C SER B 100 -4.26 6.38 12.58
N GLY B 101 -5.32 7.08 12.23
CA GLY B 101 -5.27 8.57 12.25
C GLY B 101 -5.27 8.86 13.78
N THR B 102 -4.28 9.60 14.20
CA THR B 102 -4.10 9.94 15.61
C THR B 102 -3.77 11.43 15.76
N THR B 103 -3.79 11.83 17.03
CA THR B 103 -3.36 13.22 17.35
C THR B 103 -1.84 13.18 17.23
N GLU B 104 -1.21 14.30 17.42
CA GLU B 104 0.27 14.39 17.22
C GLU B 104 0.98 13.79 18.40
N ALA B 105 0.28 13.72 19.52
CA ALA B 105 0.70 13.19 20.79
C ALA B 105 0.80 11.67 20.80
N ASN B 106 -0.02 11.06 19.95
CA ASN B 106 -0.11 9.59 19.89
C ASN B 106 0.43 9.04 18.59
N ALA B 107 0.94 9.91 17.77
CA ALA B 107 1.51 9.57 16.46
C ALA B 107 2.65 8.57 16.57
N TRP B 108 3.42 8.62 17.64
CA TRP B 108 4.57 7.71 17.81
C TRP B 108 4.10 6.26 17.86
N LYS B 109 2.88 6.04 18.28
CA LYS B 109 2.31 4.71 18.35
C LYS B 109 1.05 4.56 17.52
N SER B 110 1.12 5.07 16.31
CA SER B 110 0.00 5.07 15.37
C SER B 110 0.02 3.88 14.42
N THR B 111 1.12 3.16 14.36
CA THR B 111 1.32 2.09 13.40
C THR B 111 1.66 0.73 13.97
N LEU B 112 0.86 -0.24 13.58
CA LEU B 112 1.05 -1.66 13.90
C LEU B 112 1.76 -2.31 12.72
N VAL B 113 2.52 -3.34 13.01
CA VAL B 113 3.20 -4.13 11.98
C VAL B 113 2.88 -5.61 12.23
N GLY B 114 2.71 -6.31 11.11
CA GLY B 114 2.43 -7.77 11.23
C GLY B 114 2.76 -8.43 9.87
N HIS B 115 2.37 -9.69 9.79
CA HIS B 115 2.60 -10.47 8.55
C HIS B 115 1.37 -11.29 8.26
N ASP B 116 1.10 -11.44 6.99
CA ASP B 116 -0.09 -12.22 6.55
C ASP B 116 0.37 -13.14 5.41
N THR B 117 -0.16 -14.35 5.48
CA THR B 117 0.05 -15.33 4.41
C THR B 117 -1.34 -15.59 3.81
N PHE B 118 -1.42 -15.31 2.54
CA PHE B 118 -2.68 -15.52 1.79
C PHE B 118 -2.54 -16.82 0.98
N THR B 119 -3.57 -17.62 1.06
CA THR B 119 -3.69 -18.85 0.28
C THR B 119 -5.12 -18.85 -0.32
N LYS B 120 -5.32 -19.77 -1.23
CA LYS B 120 -6.58 -19.89 -1.95
C LYS B 120 -7.56 -20.84 -1.33
N VAL B 121 -7.29 -21.33 -0.13
CA VAL B 121 -8.13 -22.30 0.55
C VAL B 121 -9.00 -21.63 1.63
#